data_9IQK
#
_entry.id   9IQK
#
_cell.length_a   52.250
_cell.length_b   52.250
_cell.length_c   202.839
_cell.angle_alpha   90.000
_cell.angle_beta   90.000
_cell.angle_gamma   90.000
#
_symmetry.space_group_name_H-M   'P 43 21 2'
#
loop_
_entity.id
_entity.type
_entity.pdbx_description
1 polymer 'Nuclear transport factor 2 family protein'
2 non-polymer (2~{R},3~{R})-4-oxidanyl-3-propyl-2-[(3~{E},6~{S},7~{S},9~{E})-3,7,9-trimethyl-6,11-bis(oxidanyl)-2-oxidanylidene-undeca-3,9-dienyl]-2,3-dihydropyran-6-one
3 water water
#
_entity_poly.entity_id   1
_entity_poly.type   'polypeptide(L)'
_entity_poly.pdbx_seq_one_letter_code
;MAKSVIHQFFESGAKGDVDGAWACFADDAVWLASEGPEPGRTYTKTEIRDLLVQLDEMARTVRAQGMDGVFEEPVFLTDP
DKAVVEWSLRKADGEVVDRGIDLFTLRDGKILVKDVFRKAKLAAALEHHHHHH
;
_entity_poly.pdbx_strand_id   A,B
#
# COMPACT_ATOMS: atom_id res chain seq x y z
N ALA A 2 -12.36 13.06 -18.19
CA ALA A 2 -11.94 11.88 -17.42
C ALA A 2 -13.01 11.53 -16.37
N LYS A 3 -12.98 10.27 -15.90
CA LYS A 3 -13.99 9.79 -14.96
C LYS A 3 -13.80 10.39 -13.57
N SER A 4 -12.59 10.85 -13.25
CA SER A 4 -12.26 11.46 -11.96
C SER A 4 -10.90 12.13 -12.10
N VAL A 5 -10.52 12.92 -11.10
CA VAL A 5 -9.20 13.57 -11.16
C VAL A 5 -8.08 12.54 -11.06
N ILE A 6 -8.33 11.41 -10.40
CA ILE A 6 -7.34 10.34 -10.41
C ILE A 6 -7.18 9.78 -11.81
N HIS A 7 -8.30 9.54 -12.51
CA HIS A 7 -8.22 9.15 -13.91
C HIS A 7 -7.47 10.19 -14.72
N GLN A 8 -7.74 11.48 -14.47
CA GLN A 8 -7.08 12.48 -15.28
C GLN A 8 -5.58 12.48 -15.02
N PHE A 9 -5.17 12.24 -13.79
CA PHE A 9 -3.74 12.19 -13.50
C PHE A 9 -3.06 11.08 -14.30
N PHE A 10 -3.62 9.86 -14.26
CA PHE A 10 -2.96 8.75 -14.95
C PHE A 10 -3.05 8.90 -16.47
N GLU A 11 -4.16 9.40 -16.99
CA GLU A 11 -4.25 9.60 -18.43
C GLU A 11 -3.30 10.69 -18.89
N SER A 12 -3.19 11.79 -18.13
CA SER A 12 -2.23 12.81 -18.48
C SER A 12 -0.83 12.25 -18.47
N GLY A 13 -0.49 11.49 -17.42
CA GLY A 13 0.84 10.88 -17.38
C GLY A 13 1.09 9.92 -18.52
N ALA A 14 0.10 9.09 -18.85
CA ALA A 14 0.27 8.18 -19.99
C ALA A 14 0.46 8.94 -21.29
N LYS A 15 -0.10 10.14 -21.38
CA LYS A 15 0.05 10.98 -22.57
C LYS A 15 1.31 11.82 -22.54
N GLY A 16 2.14 11.66 -21.51
CA GLY A 16 3.34 12.48 -21.39
C GLY A 16 3.08 13.93 -21.04
N ASP A 17 1.86 14.26 -20.65
CA ASP A 17 1.49 15.62 -20.29
C ASP A 17 1.84 15.85 -18.83
N VAL A 18 3.09 16.23 -18.60
CA VAL A 18 3.60 16.43 -17.24
C VAL A 18 2.88 17.57 -16.56
N ASP A 19 2.66 18.68 -17.29
CA ASP A 19 1.96 19.81 -16.68
C ASP A 19 0.51 19.47 -16.37
N GLY A 20 -0.16 18.71 -17.24
CA GLY A 20 -1.55 18.35 -16.96
C GLY A 20 -1.67 17.44 -15.75
N ALA A 21 -0.71 16.52 -15.59
CA ALA A 21 -0.72 15.65 -14.43
C ALA A 21 -0.43 16.43 -13.16
N TRP A 22 0.52 17.35 -13.23
CA TRP A 22 0.90 18.14 -12.07
C TRP A 22 -0.25 19.01 -11.60
N ALA A 23 -1.01 19.54 -12.55
CA ALA A 23 -2.14 20.42 -12.25
C ALA A 23 -3.27 19.69 -11.52
N CYS A 24 -3.26 18.35 -11.50
CA CYS A 24 -4.27 17.61 -10.76
C CYS A 24 -4.10 17.75 -9.25
N PHE A 25 -2.93 18.19 -8.79
CA PHE A 25 -2.64 18.32 -7.35
C PHE A 25 -3.02 19.69 -6.83
N ALA A 26 -3.66 19.70 -5.66
CA ALA A 26 -3.89 20.96 -4.97
C ALA A 26 -2.57 21.57 -4.56
N ASP A 27 -2.57 22.91 -4.37
CA ASP A 27 -1.31 23.56 -4.01
C ASP A 27 -0.78 23.11 -2.67
N ASP A 28 -1.63 22.60 -1.77
CA ASP A 28 -1.16 22.06 -0.50
C ASP A 28 -1.05 20.54 -0.50
N ALA A 29 -1.04 19.91 -1.67
CA ALA A 29 -0.97 18.47 -1.77
C ALA A 29 0.41 17.94 -1.41
N VAL A 30 0.46 16.67 -1.03
CA VAL A 30 1.73 15.98 -0.86
C VAL A 30 1.68 14.65 -1.60
N TRP A 31 2.84 14.28 -2.11
CA TRP A 31 3.11 12.96 -2.68
C TRP A 31 4.01 12.27 -1.67
N LEU A 32 3.52 11.21 -1.05
CA LEU A 32 4.26 10.50 -0.01
C LEU A 32 4.90 9.31 -0.71
N ALA A 33 6.19 9.45 -1.03
CA ALA A 33 6.86 8.47 -1.88
C ALA A 33 7.07 7.17 -1.12
N SER A 34 7.27 6.10 -1.88
CA SER A 34 7.30 4.76 -1.29
C SER A 34 8.59 4.43 -0.56
N GLU A 35 9.64 5.24 -0.72
CA GLU A 35 10.89 4.97 -0.01
C GLU A 35 11.48 6.28 0.49
N GLY A 36 12.24 6.17 1.57
CA GLY A 36 12.93 7.31 2.13
C GLY A 36 12.95 7.28 3.63
N PRO A 37 13.48 8.34 4.25
CA PRO A 37 13.75 8.30 5.70
C PRO A 37 12.55 8.54 6.59
N GLU A 38 11.37 8.80 6.07
CA GLU A 38 10.37 9.40 6.96
C GLU A 38 9.58 8.42 7.83
N PRO A 39 9.42 7.12 7.48
CA PRO A 39 9.81 6.40 6.26
C PRO A 39 9.02 6.87 5.07
N GLY A 40 9.55 6.67 3.87
CA GLY A 40 9.03 7.33 2.70
C GLY A 40 9.61 8.73 2.59
N ARG A 41 9.05 9.51 1.68
CA ARG A 41 9.56 10.86 1.48
C ARG A 41 8.44 11.77 1.02
N THR A 42 8.30 12.92 1.69
CA THR A 42 7.26 13.90 1.38
C THR A 42 7.75 14.83 0.28
N TYR A 43 7.01 14.89 -0.81
CA TYR A 43 7.22 15.87 -1.87
C TYR A 43 6.03 16.82 -1.89
N THR A 44 6.30 18.12 -1.85
CA THR A 44 5.23 19.10 -1.95
C THR A 44 4.94 19.42 -3.42
N LYS A 45 3.93 20.26 -3.64
CA LYS A 45 3.50 20.54 -5.01
C LYS A 45 4.63 21.13 -5.85
N THR A 46 5.53 21.93 -5.27
CA THR A 46 6.61 22.48 -6.10
C THR A 46 7.61 21.40 -6.48
N GLU A 47 7.73 20.35 -5.66
CA GLU A 47 8.67 19.27 -5.97
C GLU A 47 8.06 18.16 -6.81
N ILE A 48 6.73 18.10 -6.93
CA ILE A 48 6.11 16.97 -7.60
C ILE A 48 6.38 17.01 -9.11
N ARG A 49 6.47 18.20 -9.70
CA ARG A 49 6.65 18.24 -11.15
C ARG A 49 7.92 17.50 -11.58
N ASP A 50 9.03 17.71 -10.86
CA ASP A 50 10.26 17.05 -11.29
C ASP A 50 10.15 15.54 -11.11
N LEU A 51 9.43 15.08 -10.08
N LEU A 51 9.40 15.09 -10.10
CA LEU A 51 9.15 13.66 -9.95
CA LEU A 51 9.14 13.67 -9.95
C LEU A 51 8.43 13.13 -11.19
C LEU A 51 8.40 13.11 -11.16
N LEU A 52 7.47 13.90 -11.72
CA LEU A 52 6.75 13.46 -12.90
C LEU A 52 7.64 13.45 -14.13
N VAL A 53 8.55 14.41 -14.25
CA VAL A 53 9.52 14.38 -15.35
C VAL A 53 10.37 13.12 -15.28
N GLN A 54 10.87 12.83 -14.08
CA GLN A 54 11.64 11.61 -13.84
C GLN A 54 10.86 10.37 -14.24
N LEU A 55 9.61 10.28 -13.79
CA LEU A 55 8.83 9.08 -14.07
C LEU A 55 8.51 8.96 -15.55
N ASP A 56 8.29 10.09 -16.22
CA ASP A 56 8.10 10.04 -17.67
C ASP A 56 9.33 9.44 -18.37
N GLU A 57 10.53 9.86 -17.97
CA GLU A 57 11.74 9.31 -18.57
C GLU A 57 11.90 7.82 -18.24
N MET A 58 11.62 7.43 -17.00
CA MET A 58 11.75 6.03 -16.62
C MET A 58 10.75 5.14 -17.35
N ALA A 59 9.54 5.67 -17.57
CA ALA A 59 8.54 4.94 -18.34
C ALA A 59 9.02 4.69 -19.75
N ARG A 60 9.60 5.70 -20.38
CA ARG A 60 10.13 5.51 -21.72
C ARG A 60 11.28 4.52 -21.72
N THR A 61 12.11 4.54 -20.68
CA THR A 61 13.23 3.60 -20.62
C THR A 61 12.74 2.16 -20.46
N VAL A 62 11.80 1.91 -19.54
CA VAL A 62 11.35 0.53 -19.31
C VAL A 62 10.62 0.00 -20.53
N ARG A 63 9.85 0.87 -21.21
CA ARG A 63 9.19 0.47 -22.44
C ARG A 63 10.20 0.01 -23.49
N ALA A 64 11.32 0.72 -23.61
CA ALA A 64 12.31 0.35 -24.61
C ALA A 64 12.98 -0.98 -24.27
N GLN A 65 12.97 -1.35 -23.00
CA GLN A 65 13.45 -2.67 -22.59
C GLN A 65 12.35 -3.72 -22.64
N GLY A 66 11.18 -3.39 -23.18
CA GLY A 66 10.12 -4.36 -23.36
C GLY A 66 9.33 -4.64 -22.11
N MET A 67 9.40 -3.76 -21.13
CA MET A 67 8.60 -3.89 -19.92
C MET A 67 7.27 -3.16 -20.10
N ASP A 68 6.32 -3.49 -19.22
CA ASP A 68 4.94 -3.07 -19.35
C ASP A 68 4.44 -2.58 -18.00
N GLY A 69 4.06 -1.30 -17.91
CA GLY A 69 3.49 -0.74 -16.71
C GLY A 69 1.98 -0.82 -16.76
N VAL A 70 1.39 -1.43 -15.74
CA VAL A 70 -0.05 -1.66 -15.68
C VAL A 70 -0.59 -0.92 -14.47
N PHE A 71 -1.53 0.00 -14.70
CA PHE A 71 -2.20 0.70 -13.63
C PHE A 71 -3.67 0.29 -13.67
N GLU A 72 -4.16 -0.32 -12.61
CA GLU A 72 -5.53 -0.80 -12.60
C GLU A 72 -6.49 0.37 -12.49
N GLU A 73 -7.75 0.12 -12.84
CA GLU A 73 -8.81 1.08 -12.65
C GLU A 73 -8.85 1.52 -11.18
N PRO A 74 -8.92 2.82 -10.89
CA PRO A 74 -9.06 3.25 -9.51
C PRO A 74 -10.31 2.65 -8.90
N VAL A 75 -10.23 2.31 -7.62
CA VAL A 75 -11.41 1.84 -6.89
C VAL A 75 -11.60 2.76 -5.70
N PHE A 76 -12.75 3.43 -5.67
CA PHE A 76 -13.01 4.33 -4.56
C PHE A 76 -13.38 3.57 -3.30
N LEU A 77 -13.15 4.21 -2.16
CA LEU A 77 -13.56 3.67 -0.88
C LEU A 77 -14.96 4.17 -0.53
N THR A 78 -15.51 3.61 0.55
CA THR A 78 -16.82 4.08 1.01
C THR A 78 -16.79 5.56 1.34
N ASP A 79 -15.61 6.09 1.68
CA ASP A 79 -15.35 7.53 1.67
C ASP A 79 -15.02 7.91 0.24
N PRO A 80 -15.92 8.60 -0.46
CA PRO A 80 -15.72 8.83 -1.90
C PRO A 80 -14.55 9.74 -2.22
N ASP A 81 -13.96 10.42 -1.25
CA ASP A 81 -12.75 11.20 -1.49
C ASP A 81 -11.46 10.38 -1.29
N LYS A 82 -11.57 9.06 -1.12
CA LYS A 82 -10.39 8.21 -1.08
C LYS A 82 -10.53 7.10 -2.11
N ALA A 83 -9.39 6.65 -2.64
CA ALA A 83 -9.41 5.58 -3.61
C ALA A 83 -8.05 4.89 -3.62
N VAL A 84 -8.02 3.63 -4.06
CA VAL A 84 -6.74 2.96 -4.31
C VAL A 84 -6.56 2.75 -5.82
N VAL A 85 -5.29 2.79 -6.24
CA VAL A 85 -4.91 2.32 -7.57
C VAL A 85 -3.79 1.30 -7.38
N GLU A 86 -4.06 0.06 -7.76
CA GLU A 86 -3.03 -0.98 -7.81
C GLU A 86 -2.23 -0.85 -9.10
N TRP A 87 -0.94 -1.14 -9.02
CA TRP A 87 -0.13 -1.02 -10.23
C TRP A 87 1.00 -2.04 -10.19
N SER A 88 1.53 -2.35 -11.38
CA SER A 88 2.67 -3.24 -11.45
C SER A 88 3.50 -2.90 -12.69
N LEU A 89 4.71 -3.42 -12.68
CA LEU A 89 5.63 -3.32 -13.81
C LEU A 89 6.01 -4.74 -14.18
N ARG A 90 5.84 -5.10 -15.44
CA ARG A 90 5.98 -6.47 -15.88
C ARG A 90 7.03 -6.57 -16.98
N LYS A 91 7.82 -7.64 -16.92
CA LYS A 91 8.69 -8.02 -18.01
C LYS A 91 7.84 -8.31 -19.25
N ALA A 92 8.50 -8.41 -20.40
CA ALA A 92 7.76 -8.63 -21.64
C ALA A 92 6.85 -9.85 -21.53
N ASP A 93 7.37 -10.97 -21.03
CA ASP A 93 6.55 -12.18 -20.94
C ASP A 93 5.44 -12.04 -19.92
N GLY A 94 5.67 -11.28 -18.85
CA GLY A 94 4.68 -11.12 -17.80
C GLY A 94 5.22 -11.26 -16.39
N GLU A 95 6.52 -11.55 -16.25
CA GLU A 95 7.12 -11.58 -14.92
C GLU A 95 7.01 -10.21 -14.27
N VAL A 96 6.48 -10.18 -13.05
CA VAL A 96 6.33 -8.92 -12.33
C VAL A 96 7.65 -8.57 -11.68
N VAL A 97 8.19 -7.38 -12.00
CA VAL A 97 9.39 -6.93 -11.33
C VAL A 97 9.11 -5.90 -10.25
N ASP A 98 7.92 -5.30 -10.23
CA ASP A 98 7.62 -4.22 -9.30
C ASP A 98 6.10 -4.21 -9.14
N ARG A 99 5.63 -4.06 -7.91
CA ARG A 99 4.20 -4.08 -7.66
C ARG A 99 3.89 -3.17 -6.48
N GLY A 100 2.84 -2.38 -6.61
CA GLY A 100 2.49 -1.47 -5.54
C GLY A 100 1.04 -1.04 -5.52
N ILE A 101 0.76 -0.07 -4.67
CA ILE A 101 -0.57 0.50 -4.55
C ILE A 101 -0.46 1.94 -4.10
N ASP A 102 -1.30 2.79 -4.68
CA ASP A 102 -1.42 4.19 -4.28
C ASP A 102 -2.73 4.34 -3.51
N LEU A 103 -2.68 5.03 -2.37
CA LEU A 103 -3.88 5.48 -1.68
C LEU A 103 -4.02 6.97 -1.91
N PHE A 104 -5.08 7.37 -2.62
CA PHE A 104 -5.33 8.77 -2.93
C PHE A 104 -6.31 9.37 -1.92
N THR A 105 -6.05 10.60 -1.51
CA THR A 105 -7.02 11.42 -0.82
C THR A 105 -7.31 12.63 -1.71
N LEU A 106 -8.59 12.90 -1.94
CA LEU A 106 -9.02 14.01 -2.77
C LEU A 106 -9.67 15.10 -1.92
N ARG A 107 -9.66 16.33 -2.45
CA ARG A 107 -10.47 17.40 -1.88
C ARG A 107 -10.94 18.31 -3.00
N ASP A 108 -12.26 18.49 -3.11
N ASP A 108 -12.26 18.52 -3.09
CA ASP A 108 -12.88 19.41 -4.06
CA ASP A 108 -12.86 19.44 -4.07
C ASP A 108 -12.32 19.23 -5.46
C ASP A 108 -12.30 19.23 -5.48
N GLY A 109 -12.21 17.97 -5.88
CA GLY A 109 -11.80 17.65 -7.24
C GLY A 109 -10.32 17.70 -7.51
N LYS A 110 -9.48 17.85 -6.49
CA LYS A 110 -8.03 17.89 -6.65
C LYS A 110 -7.42 16.76 -5.84
N ILE A 111 -6.24 16.30 -6.23
CA ILE A 111 -5.50 15.36 -5.40
C ILE A 111 -4.88 16.11 -4.23
N LEU A 112 -5.13 15.63 -3.01
CA LEU A 112 -4.54 16.24 -1.83
C LEU A 112 -3.40 15.40 -1.28
N VAL A 113 -3.52 14.09 -1.33
CA VAL A 113 -2.47 13.16 -0.90
C VAL A 113 -2.38 12.04 -1.93
N LYS A 114 -1.17 11.74 -2.38
CA LYS A 114 -0.90 10.49 -3.10
C LYS A 114 0.11 9.71 -2.26
N ASP A 115 -0.35 8.63 -1.64
CA ASP A 115 0.42 7.89 -0.65
C ASP A 115 0.83 6.59 -1.33
N VAL A 116 2.12 6.45 -1.65
CA VAL A 116 2.60 5.42 -2.57
C VAL A 116 3.29 4.32 -1.77
N PHE A 117 2.92 3.06 -2.06
CA PHE A 117 3.52 1.90 -1.44
C PHE A 117 3.99 0.92 -2.51
N ARG A 118 5.04 0.16 -2.22
CA ARG A 118 5.49 -0.85 -3.18
C ARG A 118 6.11 -2.01 -2.43
N LYS A 119 5.98 -3.21 -3.00
CA LYS A 119 6.69 -4.35 -2.45
C LYS A 119 8.19 -4.12 -2.58
N ALA A 120 8.94 -4.70 -1.64
CA ALA A 120 10.39 -4.70 -1.68
C ALA A 120 10.86 -6.00 -2.33
N LYS A 121 11.69 -5.87 -3.36
CA LYS A 121 12.03 -6.97 -4.26
C LYS A 121 13.19 -7.79 -3.74
N LEU A 122 13.12 -9.10 -3.99
CA LEU A 122 14.09 -10.12 -3.57
C LEU A 122 14.82 -9.75 -2.27
N ALA B 2 -17.22 -9.52 16.44
CA ALA B 2 -16.51 -8.37 15.87
C ALA B 2 -17.25 -7.84 14.65
N LYS B 3 -17.00 -6.57 14.30
CA LYS B 3 -17.74 -5.96 13.20
C LYS B 3 -17.33 -6.54 11.84
N SER B 4 -16.19 -7.23 11.78
CA SER B 4 -15.82 -7.99 10.59
C SER B 4 -14.73 -8.98 10.97
N VAL B 5 -14.42 -9.89 10.04
CA VAL B 5 -13.28 -10.78 10.25
C VAL B 5 -12.00 -9.98 10.37
N ILE B 6 -11.89 -8.88 9.65
CA ILE B 6 -10.69 -8.05 9.76
C ILE B 6 -10.52 -7.57 11.19
N HIS B 7 -11.58 -7.02 11.79
CA HIS B 7 -11.53 -6.63 13.20
C HIS B 7 -11.15 -7.80 14.09
N GLN B 8 -11.74 -8.97 13.83
CA GLN B 8 -11.41 -10.12 14.67
C GLN B 8 -9.92 -10.43 14.56
N PHE B 9 -9.38 -10.34 13.35
CA PHE B 9 -7.98 -10.67 13.15
C PHE B 9 -7.06 -9.77 13.95
N PHE B 10 -7.32 -8.46 13.95
CA PHE B 10 -6.43 -7.57 14.68
C PHE B 10 -6.65 -7.67 16.18
N GLU B 11 -7.89 -7.95 16.60
CA GLU B 11 -8.12 -8.26 18.02
C GLU B 11 -7.23 -9.41 18.47
N SER B 12 -7.37 -10.57 17.81
CA SER B 12 -6.66 -11.77 18.26
C SER B 12 -5.15 -11.56 18.24
N GLY B 13 -4.65 -10.89 17.20
CA GLY B 13 -3.22 -10.67 17.10
C GLY B 13 -2.69 -9.76 18.21
N ALA B 14 -3.42 -8.69 18.53
CA ALA B 14 -2.99 -7.82 19.61
C ALA B 14 -2.90 -8.58 20.93
N LYS B 15 -3.84 -9.50 21.16
CA LYS B 15 -3.86 -10.30 22.39
C LYS B 15 -2.87 -11.45 22.36
N GLY B 16 -2.18 -11.69 21.24
CA GLY B 16 -1.26 -12.80 21.11
C GLY B 16 -1.91 -14.13 20.84
N ASP B 17 -3.20 -14.14 20.51
CA ASP B 17 -3.95 -15.36 20.18
C ASP B 17 -3.60 -15.76 18.74
N VAL B 18 -2.45 -16.43 18.59
CA VAL B 18 -2.02 -16.86 17.26
C VAL B 18 -3.07 -17.75 16.61
N ASP B 19 -3.65 -18.68 17.38
CA ASP B 19 -4.62 -19.61 16.81
C ASP B 19 -5.90 -18.89 16.39
N GLY B 20 -6.38 -17.94 17.20
CA GLY B 20 -7.54 -17.15 16.81
C GLY B 20 -7.30 -16.33 15.55
N ALA B 21 -6.16 -15.63 15.50
CA ALA B 21 -5.86 -14.85 14.30
C ALA B 21 -5.71 -15.75 13.09
N TRP B 22 -5.09 -16.92 13.28
CA TRP B 22 -4.85 -17.83 12.16
C TRP B 22 -6.16 -18.31 11.57
N ALA B 23 -7.15 -18.59 12.42
CA ALA B 23 -8.44 -19.11 11.99
C ALA B 23 -9.25 -18.08 11.22
N CYS B 24 -8.83 -16.82 11.19
CA CYS B 24 -9.53 -15.83 10.39
C CYS B 24 -9.34 -16.06 8.90
N PHE B 25 -8.39 -16.90 8.51
CA PHE B 25 -8.02 -17.07 7.11
C PHE B 25 -8.71 -18.29 6.53
N ALA B 26 -9.25 -18.13 5.32
CA ALA B 26 -9.76 -19.27 4.57
C ALA B 26 -8.63 -20.26 4.30
N ASP B 27 -9.01 -21.53 4.08
CA ASP B 27 -7.98 -22.52 3.85
C ASP B 27 -7.22 -22.28 2.55
N ASP B 28 -7.83 -21.59 1.57
CA ASP B 28 -7.12 -21.21 0.35
C ASP B 28 -6.61 -19.78 0.39
N ALA B 29 -6.44 -19.20 1.58
CA ALA B 29 -5.97 -17.82 1.69
C ALA B 29 -4.49 -17.71 1.39
N VAL B 30 -4.07 -16.50 1.04
CA VAL B 30 -2.65 -16.17 0.93
C VAL B 30 -2.41 -14.86 1.64
N TRP B 31 -1.29 -14.80 2.35
CA TRP B 31 -0.74 -13.59 2.95
C TRP B 31 0.44 -13.18 2.08
N LEU B 32 0.32 -12.03 1.41
CA LEU B 32 1.36 -11.57 0.49
C LEU B 32 2.19 -10.53 1.23
N ALA B 33 3.33 -10.99 1.74
CA ALA B 33 4.17 -10.17 2.61
C ALA B 33 4.85 -9.07 1.79
N SER B 34 5.23 -8.02 2.51
CA SER B 34 5.71 -6.80 1.88
C SER B 34 7.07 -6.94 1.23
N GLU B 35 7.83 -7.98 1.55
CA GLU B 35 9.20 -8.12 1.12
C GLU B 35 9.44 -9.54 0.62
N GLY B 36 10.05 -9.66 -0.55
CA GLY B 36 10.48 -10.94 -1.06
C GLY B 36 10.78 -10.89 -2.53
N PRO B 37 10.99 -12.06 -3.14
CA PRO B 37 11.42 -12.09 -4.55
C PRO B 37 10.30 -12.02 -5.57
N GLU B 38 9.04 -12.04 -5.17
CA GLU B 38 7.98 -12.29 -6.15
C GLU B 38 7.53 -11.10 -6.98
N PRO B 39 7.75 -9.83 -6.55
CA PRO B 39 8.35 -9.32 -5.31
C PRO B 39 7.35 -9.45 -4.16
N GLY B 40 7.75 -9.30 -2.90
CA GLY B 40 6.92 -9.79 -1.81
C GLY B 40 7.10 -11.29 -1.68
N ARG B 41 6.34 -11.89 -0.76
CA ARG B 41 6.48 -13.32 -0.50
C ARG B 41 5.12 -13.91 -0.13
N THR B 42 4.74 -14.98 -0.81
CA THR B 42 3.44 -15.62 -0.57
C THR B 42 3.54 -16.63 0.58
N TYR B 43 2.62 -16.52 1.53
CA TYR B 43 2.42 -17.49 2.59
C TYR B 43 1.03 -18.11 2.43
N THR B 44 0.95 -19.44 2.36
CA THR B 44 -0.34 -20.09 2.35
C THR B 44 -0.83 -20.29 3.79
N LYS B 45 -2.04 -20.85 3.93
CA LYS B 45 -2.61 -20.99 5.26
C LYS B 45 -1.72 -21.84 6.17
N THR B 46 -1.09 -22.91 5.66
N THR B 46 -1.09 -22.89 5.64
CA THR B 46 -0.28 -23.71 6.58
CA THR B 46 -0.25 -23.77 6.45
C THR B 46 0.96 -22.94 7.03
C THR B 46 1.06 -23.09 6.87
N GLU B 47 1.42 -21.98 6.24
CA GLU B 47 2.61 -21.21 6.58
C GLU B 47 2.29 -19.95 7.35
N ILE B 48 1.03 -19.52 7.36
CA ILE B 48 0.69 -18.27 8.03
C ILE B 48 0.85 -18.39 9.54
N ARG B 49 0.63 -19.58 10.11
CA ARG B 49 0.68 -19.66 11.56
C ARG B 49 2.07 -19.35 12.10
N ASP B 50 3.12 -19.88 11.46
CA ASP B 50 4.46 -19.57 11.95
C ASP B 50 4.80 -18.12 11.70
N LEU B 51 4.35 -17.56 10.58
CA LEU B 51 4.48 -16.13 10.37
C LEU B 51 3.86 -15.37 11.54
N LEU B 52 2.65 -15.76 11.94
CA LEU B 52 2.01 -15.10 13.08
C LEU B 52 2.82 -15.30 14.35
N VAL B 53 3.45 -16.47 14.49
CA VAL B 53 4.33 -16.70 15.63
C VAL B 53 5.52 -15.75 15.60
N GLN B 54 6.19 -15.65 14.45
CA GLN B 54 7.31 -14.72 14.31
C GLN B 54 6.87 -13.28 14.59
N LEU B 55 5.72 -12.87 14.03
CA LEU B 55 5.23 -11.51 14.28
C LEU B 55 4.95 -11.28 15.75
N ASP B 56 4.41 -12.29 16.44
CA ASP B 56 4.11 -12.11 17.87
C ASP B 56 5.39 -11.96 18.68
N GLU B 57 6.43 -12.73 18.32
CA GLU B 57 7.76 -12.52 18.89
C GLU B 57 8.21 -11.07 18.68
N MET B 58 8.14 -10.59 17.44
CA MET B 58 8.56 -9.22 17.15
C MET B 58 7.71 -8.21 17.93
N ALA B 59 6.41 -8.48 18.05
CA ALA B 59 5.51 -7.51 18.65
C ALA B 59 5.90 -7.19 20.09
N ARG B 60 6.15 -8.23 20.89
CA ARG B 60 6.43 -8.01 22.30
C ARG B 60 7.83 -7.48 22.55
N THR B 61 8.76 -7.70 21.62
CA THR B 61 10.09 -7.10 21.78
C THR B 61 10.08 -5.62 21.44
N VAL B 62 9.29 -5.20 20.44
CA VAL B 62 9.14 -3.77 20.18
C VAL B 62 8.31 -3.11 21.27
N ARG B 63 7.30 -3.83 21.78
CA ARG B 63 6.56 -3.32 22.93
C ARG B 63 7.48 -3.18 24.13
N ALA B 64 8.39 -4.14 24.32
CA ALA B 64 9.35 -4.04 25.41
C ALA B 64 10.27 -2.83 25.28
N GLN B 65 10.18 -2.09 24.18
CA GLN B 65 10.94 -0.85 24.00
C GLN B 65 10.02 0.35 23.85
N GLY B 66 8.81 0.25 24.40
CA GLY B 66 7.85 1.35 24.34
C GLY B 66 7.23 1.62 22.99
N MET B 67 7.47 0.76 22.00
CA MET B 67 6.89 0.95 20.69
C MET B 67 5.43 0.50 20.69
N ASP B 68 4.61 1.18 19.87
CA ASP B 68 3.21 0.85 19.72
C ASP B 68 2.91 0.54 18.27
N GLY B 69 2.11 -0.50 18.03
CA GLY B 69 1.59 -0.79 16.71
C GLY B 69 0.14 -0.34 16.62
N VAL B 70 -0.15 0.48 15.61
CA VAL B 70 -1.45 1.16 15.50
C VAL B 70 -2.09 0.77 14.17
N PHE B 71 -3.26 0.11 14.24
CA PHE B 71 -3.97 -0.38 13.06
C PHE B 71 -5.31 0.33 12.93
N GLU B 72 -5.47 1.11 11.86
CA GLU B 72 -6.69 1.88 11.69
C GLU B 72 -7.87 0.99 11.32
N GLU B 73 -9.06 1.52 11.58
CA GLU B 73 -10.30 0.89 11.14
C GLU B 73 -10.21 0.53 9.65
N PRO B 74 -10.58 -0.69 9.27
CA PRO B 74 -10.67 -0.98 7.83
C PRO B 74 -11.67 -0.06 7.14
N VAL B 75 -11.30 0.43 5.97
CA VAL B 75 -12.22 1.20 5.12
C VAL B 75 -12.46 0.39 3.87
N PHE B 76 -13.72 0.07 3.59
CA PHE B 76 -13.98 -0.86 2.51
C PHE B 76 -13.98 -0.15 1.17
N LEU B 77 -13.69 -0.92 0.12
CA LEU B 77 -13.79 -0.40 -1.23
C LEU B 77 -15.23 -0.49 -1.71
N THR B 78 -15.50 0.05 -2.89
CA THR B 78 -16.84 -0.12 -3.46
C THR B 78 -17.14 -1.57 -3.76
N ASP B 79 -16.10 -2.41 -3.83
CA ASP B 79 -16.21 -3.86 -3.76
C ASP B 79 -16.28 -4.21 -2.28
N PRO B 80 -17.43 -4.62 -1.76
CA PRO B 80 -17.59 -4.73 -0.30
C PRO B 80 -16.81 -5.88 0.31
N ASP B 81 -16.22 -6.74 -0.50
CA ASP B 81 -15.34 -7.78 0.01
C ASP B 81 -13.87 -7.36 0.02
N LYS B 82 -13.56 -6.07 -0.20
CA LYS B 82 -12.19 -5.62 -0.12
C LYS B 82 -12.12 -4.40 0.78
N ALA B 83 -11.01 -4.27 1.52
CA ALA B 83 -10.86 -3.13 2.40
C ALA B 83 -9.38 -2.84 2.60
N VAL B 84 -9.07 -1.57 2.90
CA VAL B 84 -7.70 -1.22 3.28
C VAL B 84 -7.64 -1.01 4.79
N VAL B 85 -6.49 -1.35 5.36
CA VAL B 85 -6.13 -1.05 6.74
C VAL B 85 -4.80 -0.32 6.73
N GLU B 86 -4.82 0.96 7.06
CA GLU B 86 -3.58 1.72 7.28
C GLU B 86 -3.01 1.40 8.66
N TRP B 87 -1.68 1.32 8.76
CA TRP B 87 -1.05 0.96 10.03
C TRP B 87 0.32 1.61 10.17
N SER B 88 0.77 1.72 11.42
CA SER B 88 2.09 2.26 11.70
C SER B 88 2.66 1.64 12.96
N LEU B 89 3.98 1.74 13.10
CA LEU B 89 4.70 1.37 14.31
C LEU B 89 5.38 2.63 14.83
N ARG B 90 5.12 2.95 16.10
CA ARG B 90 5.41 4.28 16.60
C ARG B 90 6.13 4.21 17.94
N LYS B 91 7.18 5.01 18.08
CA LYS B 91 7.82 5.14 19.37
C LYS B 91 6.87 5.79 20.37
N ALA B 92 7.24 5.72 21.65
CA ALA B 92 6.42 6.32 22.70
C ALA B 92 6.22 7.80 22.46
N ASP B 93 7.22 8.48 21.87
CA ASP B 93 7.13 9.91 21.62
C ASP B 93 6.42 10.24 20.31
N GLY B 94 5.84 9.25 19.64
CA GLY B 94 5.11 9.47 18.41
C GLY B 94 5.90 9.25 17.14
N GLU B 95 7.23 9.11 17.22
CA GLU B 95 8.02 8.98 16.01
C GLU B 95 7.63 7.71 15.26
N VAL B 96 7.35 7.86 13.97
CA VAL B 96 6.95 6.74 13.14
C VAL B 96 8.21 5.96 12.75
N VAL B 97 8.26 4.69 13.12
N VAL B 97 8.26 4.71 13.15
CA VAL B 97 9.39 3.84 12.76
CA VAL B 97 9.37 3.83 12.78
C VAL B 97 9.06 2.89 11.63
C VAL B 97 9.05 3.07 11.50
N ASP B 98 7.77 2.73 11.30
CA ASP B 98 7.40 1.91 10.16
C ASP B 98 5.94 2.20 9.85
N ARG B 99 5.61 2.21 8.56
CA ARG B 99 4.26 2.62 8.16
C ARG B 99 3.87 1.82 6.93
N GLY B 100 2.61 1.37 6.88
CA GLY B 100 2.22 0.53 5.78
C GLY B 100 0.72 0.54 5.54
N ILE B 101 0.29 -0.31 4.62
CA ILE B 101 -1.12 -0.50 4.32
C ILE B 101 -1.35 -1.95 3.93
N ASP B 102 -2.48 -2.51 4.37
CA ASP B 102 -2.91 -3.84 3.99
C ASP B 102 -4.12 -3.70 3.08
N LEU B 103 -4.11 -4.42 1.97
CA LEU B 103 -5.31 -4.58 1.14
C LEU B 103 -5.88 -5.97 1.42
N PHE B 104 -7.06 -6.02 2.03
CA PHE B 104 -7.71 -7.29 2.35
C PHE B 104 -8.71 -7.66 1.26
N THR B 105 -8.73 -8.94 0.88
CA THR B 105 -9.83 -9.51 0.12
C THR B 105 -10.47 -10.55 1.01
N LEU B 106 -11.80 -10.48 1.16
CA LEU B 106 -12.56 -11.37 2.02
C LEU B 106 -13.46 -12.24 1.17
N ARG B 107 -13.83 -13.39 1.73
CA ARG B 107 -14.79 -14.26 1.07
C ARG B 107 -15.49 -15.10 2.12
N ASP B 108 -16.82 -15.09 2.12
CA ASP B 108 -17.56 -15.97 3.01
C ASP B 108 -17.22 -15.71 4.48
N GLY B 109 -16.94 -14.45 4.84
CA GLY B 109 -16.60 -14.13 6.22
C GLY B 109 -15.20 -14.51 6.64
N LYS B 110 -14.33 -14.86 5.71
CA LYS B 110 -12.96 -15.21 6.03
C LYS B 110 -12.02 -14.33 5.20
N ILE B 111 -10.77 -14.21 5.66
CA ILE B 111 -9.74 -13.53 4.87
C ILE B 111 -9.28 -14.47 3.77
N LEU B 112 -9.39 -14.02 2.52
CA LEU B 112 -8.84 -14.75 1.39
C LEU B 112 -7.48 -14.21 0.95
N VAL B 113 -7.27 -12.90 1.00
CA VAL B 113 -5.99 -12.30 0.68
C VAL B 113 -5.69 -11.20 1.68
N LYS B 114 -4.49 -11.21 2.22
CA LYS B 114 -3.95 -10.07 2.98
C LYS B 114 -2.72 -9.60 2.23
N ASP B 115 -2.83 -8.47 1.51
CA ASP B 115 -1.77 -8.00 0.63
C ASP B 115 -1.09 -6.82 1.34
N VAL B 116 0.14 -7.05 1.82
CA VAL B 116 0.79 -6.14 2.78
C VAL B 116 1.82 -5.28 2.07
N PHE B 117 1.78 -3.97 2.34
CA PHE B 117 2.77 -3.06 1.79
C PHE B 117 3.34 -2.20 2.91
N ARG B 118 4.62 -1.83 2.81
CA ARG B 118 5.19 -0.92 3.78
C ARG B 118 6.18 0.03 3.12
N LYS B 119 6.27 1.25 3.67
CA LYS B 119 7.29 2.19 3.22
C LYS B 119 8.67 1.59 3.44
N ALA B 120 9.55 1.76 2.48
CA ALA B 120 10.91 1.28 2.63
C ALA B 120 11.73 2.40 3.26
N LYS B 121 12.27 2.17 4.45
CA LYS B 121 13.11 3.15 5.12
C LYS B 121 14.50 3.16 4.49
N LEU B 122 14.82 4.24 3.77
CA LEU B 122 16.10 4.34 3.08
C LEU B 122 16.63 5.75 3.28
N ALA B 123 17.94 5.92 3.06
CA ALA B 123 18.53 7.25 3.14
C ALA B 123 17.92 8.17 2.11
N ALA B 124 17.65 7.65 0.91
CA ALA B 124 17.13 8.50 -0.14
C ALA B 124 16.08 7.75 -0.92
N ALA B 125 14.99 8.43 -1.27
CA ALA B 125 13.97 7.85 -2.14
C ALA B 125 14.60 7.56 -3.50
#